data_3OPD
#
_entry.id   3OPD
#
_cell.length_a   70.915
_cell.length_b   72.103
_cell.length_c   152.147
_cell.angle_alpha   90.00
_cell.angle_beta   90.00
_cell.angle_gamma   90.00
#
_symmetry.space_group_name_H-M   'P 21 21 21'
#
loop_
_entity.id
_entity.type
_entity.pdbx_description
1 polymer 'Heat shock protein 83'
2 non-polymer 4-[6,6-dimethyl-4-oxidanylidene-3-(trifluoromethyl)-5,7-dihydroindazol-1-yl]-2-[(4-oxidanylcyclohexyl)amino]benzamide
3 water water
#
_entity_poly.entity_id   1
_entity_poly.type   'polypeptide(L)'
_entity_poly.pdbx_seq_one_letter_code
;MHHHHHHSSGRENLYFQGMTETFAFQAEINQLMSLIINTFYSNKEIFLRELISNSSDACDKIRYQSLTNQSVLGDEPHLR
IRVIPDRVNKTLTVEDSGIGMTKADLVNNLGTIARSGTKSFMEALEAGGDMSMIGQFGVGFYSAYLVADRVTVVSKNNED
DAYTWESSAGGTFTVTSTPDCDLKRGTRIVLHLKEDQQEYLEERRLKDLIKKHSEFIGYDIELMVENTTEK
;
_entity_poly.pdbx_strand_id   A,B,C
#
# COMPACT_ATOMS: atom_id res chain seq x y z
N GLY A 18 16.32 33.03 -13.96
CA GLY A 18 15.59 32.17 -14.90
C GLY A 18 14.42 31.44 -14.28
N MET A 19 13.56 30.85 -15.14
CA MET A 19 12.36 30.10 -14.75
C MET A 19 12.53 28.64 -15.00
N THR A 20 12.16 27.83 -14.01
CA THR A 20 12.15 26.36 -14.08
C THR A 20 10.71 25.87 -13.88
N GLU A 21 10.35 24.73 -14.50
CA GLU A 21 9.00 24.16 -14.40
C GLU A 21 9.02 22.90 -13.49
N THR A 22 8.36 22.96 -12.34
CA THR A 22 8.38 21.84 -11.38
C THR A 22 7.10 21.00 -11.27
N PHE A 23 7.26 19.67 -11.24
CA PHE A 23 6.13 18.77 -10.98
C PHE A 23 6.15 18.44 -9.50
N ALA A 24 4.98 18.15 -8.94
CA ALA A 24 4.80 17.77 -7.54
C ALA A 24 4.60 16.28 -7.44
N PHE A 25 5.36 15.64 -6.53
CA PHE A 25 5.23 14.22 -6.21
C PHE A 25 3.90 14.06 -5.50
N GLN A 26 3.24 12.92 -5.73
CA GLN A 26 2.01 12.69 -5.03
C GLN A 26 2.29 12.22 -3.58
N ALA A 27 1.36 12.50 -2.64
CA ALA A 27 1.46 12.19 -1.20
C ALA A 27 2.27 10.92 -0.82
N GLU A 28 1.97 9.76 -1.45
CA GLU A 28 2.61 8.46 -1.24
C GLU A 28 4.14 8.53 -1.38
N ILE A 29 4.64 9.06 -2.51
CA ILE A 29 6.06 9.18 -2.84
C ILE A 29 6.74 10.10 -1.84
N ASN A 30 6.04 11.16 -1.40
CA ASN A 30 6.52 12.12 -0.42
C ASN A 30 6.73 11.47 0.93
N GLN A 31 5.78 10.61 1.36
CA GLN A 31 5.81 9.85 2.60
C GLN A 31 6.98 8.88 2.63
N LEU A 32 7.19 8.18 1.51
CA LEU A 32 8.30 7.25 1.37
C LEU A 32 9.63 7.97 1.41
N MET A 33 9.80 9.04 0.61
CA MET A 33 11.02 9.84 0.54
C MET A 33 11.34 10.47 1.90
N SER A 34 10.33 10.98 2.59
CA SER A 34 10.52 11.56 3.93
C SER A 34 11.06 10.50 4.90
N LEU A 35 10.54 9.26 4.84
CA LEU A 35 10.97 8.15 5.67
C LEU A 35 12.45 7.83 5.38
N ILE A 36 12.76 7.51 4.09
CA ILE A 36 14.11 7.19 3.61
C ILE A 36 15.15 8.26 4.03
N ILE A 37 14.82 9.55 3.85
CA ILE A 37 15.72 10.69 4.12
C ILE A 37 15.90 11.02 5.60
N ASN A 38 14.78 11.10 6.35
CA ASN A 38 14.80 11.50 7.76
C ASN A 38 14.99 10.42 8.82
N THR A 39 15.12 9.15 8.40
CA THR A 39 15.31 8.07 9.35
C THR A 39 16.66 7.46 9.13
N PHE A 40 17.36 7.17 10.25
CA PHE A 40 18.64 6.49 10.25
C PHE A 40 18.40 5.01 9.93
N TYR A 41 19.13 4.52 8.94
CA TYR A 41 19.17 3.15 8.45
C TYR A 41 20.66 2.83 8.30
N SER A 42 21.11 1.77 8.96
CA SER A 42 22.50 1.36 8.96
C SER A 42 22.92 0.72 7.63
N ASN A 43 22.05 -0.11 7.07
CA ASN A 43 22.28 -0.85 5.82
C ASN A 43 21.99 -0.05 4.51
N LYS A 44 22.52 1.19 4.40
CA LYS A 44 22.32 2.03 3.21
C LYS A 44 22.81 1.40 1.88
N GLU A 45 23.82 0.51 1.92
CA GLU A 45 24.47 -0.17 0.78
C GLU A 45 23.57 -0.91 -0.18
N ILE A 46 22.34 -1.23 0.26
CA ILE A 46 21.31 -1.94 -0.50
C ILE A 46 20.88 -1.14 -1.75
N PHE A 47 21.13 0.19 -1.81
CA PHE A 47 20.74 1.04 -2.95
C PHE A 47 21.32 0.54 -4.29
N LEU A 48 22.56 0.05 -4.27
CA LEU A 48 23.21 -0.40 -5.49
C LEU A 48 22.49 -1.55 -6.14
N ARG A 49 22.23 -2.61 -5.36
CA ARG A 49 21.50 -3.80 -5.76
C ARG A 49 20.11 -3.42 -6.36
N GLU A 50 19.43 -2.46 -5.73
CA GLU A 50 18.11 -1.98 -6.13
C GLU A 50 18.14 -1.33 -7.49
N LEU A 51 19.10 -0.42 -7.72
CA LEU A 51 19.25 0.26 -8.98
C LEU A 51 19.65 -0.72 -10.07
N ILE A 52 20.52 -1.71 -9.77
CA ILE A 52 20.96 -2.76 -10.72
C ILE A 52 19.80 -3.69 -11.05
N SER A 53 18.88 -3.90 -10.08
CA SER A 53 17.69 -4.73 -10.28
C SER A 53 16.76 -4.08 -11.29
N ASN A 54 16.53 -2.76 -11.17
CA ASN A 54 15.72 -1.98 -12.10
C ASN A 54 16.30 -2.04 -13.52
N SER A 55 17.65 -1.94 -13.62
CA SER A 55 18.33 -1.98 -14.89
C SER A 55 18.10 -3.35 -15.57
N SER A 56 18.22 -4.45 -14.79
CA SER A 56 18.07 -5.83 -15.27
C SER A 56 16.63 -6.04 -15.78
N ASP A 57 15.63 -5.52 -15.03
CA ASP A 57 14.23 -5.58 -15.42
C ASP A 57 14.00 -4.80 -16.73
N ALA A 58 14.64 -3.61 -16.88
CA ALA A 58 14.56 -2.79 -18.10
C ALA A 58 15.16 -3.52 -19.33
N CYS A 59 16.27 -4.27 -19.12
CA CYS A 59 16.91 -5.09 -20.15
C CYS A 59 15.95 -6.22 -20.54
N ASP A 60 15.28 -6.83 -19.53
CA ASP A 60 14.33 -7.91 -19.75
C ASP A 60 13.19 -7.49 -20.65
N LYS A 61 12.57 -6.31 -20.38
CA LYS A 61 11.46 -5.75 -21.15
C LYS A 61 11.81 -5.57 -22.62
N ILE A 62 12.95 -4.93 -22.92
CA ILE A 62 13.41 -4.75 -24.29
C ILE A 62 13.80 -6.08 -24.94
N ARG A 63 14.34 -7.05 -24.13
CA ARG A 63 14.71 -8.38 -24.60
C ARG A 63 13.44 -9.16 -24.99
N TYR A 64 12.35 -9.00 -24.19
CA TYR A 64 11.06 -9.65 -24.45
C TYR A 64 10.44 -9.13 -25.75
N GLN A 65 10.59 -7.81 -26.00
CA GLN A 65 10.10 -7.14 -27.21
C GLN A 65 10.87 -7.62 -28.43
N SER A 66 12.21 -7.79 -28.29
CA SER A 66 13.14 -8.26 -29.34
C SER A 66 12.87 -9.67 -29.80
N LEU A 67 12.15 -10.48 -28.98
CA LEU A 67 11.84 -11.86 -29.33
C LEU A 67 10.93 -11.95 -30.56
N THR A 68 9.96 -11.03 -30.66
CA THR A 68 9.02 -10.95 -31.80
C THR A 68 9.57 -10.02 -32.89
N ASN A 69 10.06 -8.82 -32.50
CA ASN A 69 10.66 -7.86 -33.43
C ASN A 69 12.11 -7.52 -33.04
N GLN A 70 13.12 -8.12 -33.73
CA GLN A 70 14.55 -7.90 -33.46
C GLN A 70 15.01 -6.46 -33.69
N SER A 71 14.24 -5.65 -34.44
CA SER A 71 14.58 -4.27 -34.74
C SER A 71 14.45 -3.30 -33.54
N VAL A 72 13.79 -3.72 -32.45
CA VAL A 72 13.64 -2.89 -31.26
C VAL A 72 15.01 -2.59 -30.66
N LEU A 73 16.00 -3.51 -30.89
CA LEU A 73 17.35 -3.35 -30.36
C LEU A 73 18.13 -2.34 -31.20
N GLY A 74 17.77 -2.24 -32.47
CA GLY A 74 18.39 -1.35 -33.44
C GLY A 74 19.90 -1.48 -33.48
N ASP A 75 20.57 -0.35 -33.24
CA ASP A 75 22.02 -0.24 -33.24
C ASP A 75 22.64 -0.61 -31.88
N GLU A 76 21.81 -0.87 -30.84
CA GLU A 76 22.29 -1.26 -29.50
C GLU A 76 21.87 -2.71 -29.11
N PRO A 77 22.57 -3.76 -29.59
CA PRO A 77 22.14 -5.11 -29.24
C PRO A 77 22.60 -5.56 -27.87
N HIS A 78 23.75 -5.05 -27.41
CA HIS A 78 24.32 -5.47 -26.14
C HIS A 78 23.54 -4.90 -24.98
N LEU A 79 22.88 -5.80 -24.26
CA LEU A 79 22.12 -5.45 -23.08
C LEU A 79 23.08 -5.55 -21.91
N ARG A 80 23.49 -4.40 -21.38
CA ARG A 80 24.49 -4.29 -20.33
C ARG A 80 24.09 -3.30 -19.23
N ILE A 81 24.63 -3.49 -18.00
CA ILE A 81 24.46 -2.62 -16.83
C ILE A 81 25.86 -2.12 -16.50
N ARG A 82 26.04 -0.79 -16.30
CA ARG A 82 27.34 -0.18 -15.96
C ARG A 82 27.25 0.60 -14.68
N VAL A 83 28.25 0.42 -13.81
CA VAL A 83 28.37 1.16 -12.55
C VAL A 83 29.61 2.04 -12.73
N ILE A 84 29.41 3.37 -12.80
CA ILE A 84 30.47 4.35 -13.05
C ILE A 84 30.62 5.41 -11.96
N PRO A 85 31.68 5.33 -11.10
CA PRO A 85 31.90 6.42 -10.13
C PRO A 85 32.60 7.60 -10.78
N ASP A 86 32.35 8.83 -10.27
CA ASP A 86 33.05 10.04 -10.71
C ASP A 86 33.62 10.71 -9.46
N ARG A 87 34.90 10.46 -9.19
CA ARG A 87 35.58 11.00 -8.01
C ARG A 87 35.69 12.53 -7.98
N VAL A 88 35.72 13.17 -9.18
CA VAL A 88 35.82 14.64 -9.28
C VAL A 88 34.50 15.30 -8.91
N ASN A 89 33.41 14.93 -9.60
CA ASN A 89 32.07 15.47 -9.39
C ASN A 89 31.34 14.85 -8.20
N LYS A 90 31.93 13.79 -7.60
CA LYS A 90 31.41 13.07 -6.43
C LYS A 90 30.04 12.46 -6.70
N THR A 91 29.92 11.75 -7.81
CA THR A 91 28.68 11.09 -8.26
C THR A 91 28.87 9.61 -8.57
N LEU A 92 27.78 8.83 -8.43
CA LEU A 92 27.75 7.41 -8.78
C LEU A 92 26.69 7.18 -9.85
N THR A 93 27.11 6.70 -10.98
CA THR A 93 26.20 6.45 -12.09
C THR A 93 25.89 4.95 -12.27
N VAL A 94 24.60 4.64 -12.41
CA VAL A 94 24.16 3.30 -12.73
C VAL A 94 23.43 3.45 -14.06
N GLU A 95 24.03 2.92 -15.14
CA GLU A 95 23.40 2.97 -16.46
C GLU A 95 23.11 1.66 -17.08
N ASP A 96 22.13 1.65 -17.99
CA ASP A 96 21.71 0.43 -18.71
C ASP A 96 21.25 0.70 -20.14
N SER A 97 21.26 -0.34 -20.97
CA SER A 97 20.81 -0.31 -22.37
C SER A 97 19.43 -0.99 -22.46
N GLY A 98 18.68 -0.89 -21.37
CA GLY A 98 17.33 -1.44 -21.24
C GLY A 98 16.31 -0.71 -22.07
N ILE A 99 15.05 -0.97 -21.77
CA ILE A 99 13.90 -0.39 -22.49
C ILE A 99 13.86 1.14 -22.56
N GLY A 100 14.28 1.80 -21.50
CA GLY A 100 14.24 3.25 -21.39
C GLY A 100 12.87 3.75 -21.00
N MET A 101 12.75 5.06 -20.68
CA MET A 101 11.47 5.66 -20.29
C MET A 101 11.13 6.85 -21.18
N THR A 102 9.83 7.01 -21.48
CA THR A 102 9.30 8.12 -22.31
C THR A 102 9.12 9.36 -21.44
N LYS A 103 8.83 10.53 -22.05
CA LYS A 103 8.57 11.77 -21.31
C LYS A 103 7.44 11.47 -20.31
N ALA A 104 6.36 10.80 -20.78
CA ALA A 104 5.20 10.38 -19.99
C ALA A 104 5.58 9.55 -18.75
N ASP A 105 6.43 8.52 -18.91
CA ASP A 105 6.86 7.68 -17.78
C ASP A 105 7.51 8.57 -16.70
N LEU A 106 8.37 9.51 -17.11
CA LEU A 106 9.08 10.43 -16.23
C LEU A 106 8.19 11.48 -15.58
N VAL A 107 7.40 12.20 -16.38
CA VAL A 107 6.46 13.25 -15.93
C VAL A 107 5.47 12.68 -14.90
N ASN A 108 4.98 11.44 -15.14
CA ASN A 108 4.01 10.78 -14.29
C ASN A 108 4.59 9.95 -13.16
N ASN A 109 5.94 9.78 -13.12
CA ASN A 109 6.68 8.93 -12.16
C ASN A 109 6.17 7.51 -12.22
N LEU A 110 5.96 6.98 -13.45
CA LEU A 110 5.45 5.63 -13.71
C LEU A 110 4.02 5.41 -13.14
N GLY A 111 3.39 6.53 -12.81
CA GLY A 111 2.03 6.70 -12.30
C GLY A 111 1.66 5.80 -11.14
N THR A 112 0.74 4.91 -11.46
CA THR A 112 0.12 3.94 -10.58
C THR A 112 1.09 2.96 -9.94
N ILE A 113 2.18 2.61 -10.64
CA ILE A 113 3.15 1.66 -10.13
C ILE A 113 3.96 2.19 -8.95
N ALA A 114 4.27 3.48 -9.00
CA ALA A 114 4.95 4.14 -7.90
C ALA A 114 4.02 4.23 -6.71
N ARG A 115 2.77 4.77 -6.87
CA ARG A 115 1.76 4.87 -5.81
C ARG A 115 1.38 3.50 -5.18
N SER A 116 1.14 2.45 -6.00
CA SER A 116 0.82 1.10 -5.51
C SER A 116 1.95 0.48 -4.70
N GLY A 117 3.18 0.55 -5.24
CA GLY A 117 4.36 -0.01 -4.58
C GLY A 117 4.64 0.69 -3.26
N THR A 118 4.55 1.99 -3.31
CA THR A 118 4.74 2.84 -2.15
C THR A 118 3.73 2.58 -1.04
N LYS A 119 2.40 2.46 -1.34
CA LYS A 119 1.35 2.14 -0.34
C LYS A 119 1.63 0.78 0.29
N SER A 120 1.90 -0.24 -0.54
CA SER A 120 2.19 -1.59 -0.08
C SER A 120 3.50 -1.68 0.71
N PHE A 121 4.58 -0.98 0.28
CA PHE A 121 5.87 -0.97 0.99
C PHE A 121 5.75 -0.34 2.37
N MET A 122 5.14 0.87 2.44
CA MET A 122 4.89 1.60 3.70
C MET A 122 4.12 0.68 4.66
N GLU A 123 3.13 -0.09 4.13
CA GLU A 123 2.30 -1.06 4.83
C GLU A 123 3.17 -2.17 5.35
N ALA A 124 4.07 -2.76 4.51
CA ALA A 124 4.98 -3.84 4.87
C ALA A 124 5.86 -3.41 6.03
N LEU A 125 6.49 -2.21 5.91
CA LEU A 125 7.32 -1.59 6.94
C LEU A 125 6.59 -1.49 8.26
N GLU A 126 5.34 -0.98 8.26
CA GLU A 126 4.54 -0.82 9.49
C GLU A 126 4.21 -2.16 10.11
N ALA A 127 4.13 -3.22 9.31
CA ALA A 127 3.79 -4.58 9.72
C ALA A 127 4.95 -5.56 9.96
N GLY A 128 6.20 -5.09 9.97
CA GLY A 128 7.32 -5.99 10.22
C GLY A 128 8.32 -6.15 9.11
N GLY A 129 8.00 -5.64 7.94
CA GLY A 129 8.91 -5.62 6.80
C GLY A 129 9.99 -4.59 7.02
N ASP A 130 11.05 -4.62 6.24
CA ASP A 130 12.12 -3.68 6.44
C ASP A 130 12.53 -3.04 5.14
N MET A 131 13.35 -1.97 5.23
CA MET A 131 13.87 -1.21 4.08
C MET A 131 14.53 -2.07 3.02
N SER A 132 15.25 -3.14 3.42
CA SER A 132 15.93 -4.04 2.48
C SER A 132 14.98 -4.72 1.47
N MET A 133 13.67 -4.78 1.79
CA MET A 133 12.65 -5.41 0.96
C MET A 133 12.04 -4.48 -0.05
N ILE A 134 12.54 -3.21 -0.10
CA ILE A 134 12.00 -2.17 -1.00
C ILE A 134 11.71 -2.62 -2.44
N GLY A 135 12.68 -3.37 -3.02
CA GLY A 135 12.59 -3.88 -4.39
C GLY A 135 11.48 -4.86 -4.64
N GLN A 136 11.04 -5.57 -3.59
CA GLN A 136 9.95 -6.52 -3.70
C GLN A 136 8.61 -5.82 -4.02
N PHE A 137 8.56 -4.48 -3.85
CA PHE A 137 7.39 -3.65 -4.10
C PHE A 137 7.54 -2.78 -5.37
N GLY A 138 8.64 -2.98 -6.09
CA GLY A 138 8.93 -2.29 -7.34
C GLY A 138 9.33 -0.83 -7.19
N VAL A 139 9.49 -0.36 -5.95
CA VAL A 139 9.85 1.03 -5.63
C VAL A 139 11.30 1.24 -5.19
N GLY A 140 12.15 0.24 -5.43
CA GLY A 140 13.57 0.21 -5.12
C GLY A 140 14.40 1.39 -5.58
N PHE A 141 13.96 2.09 -6.66
CA PHE A 141 14.60 3.31 -7.20
C PHE A 141 14.74 4.35 -6.08
N TYR A 142 13.72 4.47 -5.18
CA TYR A 142 13.75 5.45 -4.10
C TYR A 142 14.83 5.24 -3.04
N SER A 143 15.42 4.01 -2.96
CA SER A 143 16.54 3.70 -2.06
C SER A 143 17.77 4.54 -2.40
N ALA A 144 17.79 5.13 -3.61
CA ALA A 144 18.88 6.02 -4.04
C ALA A 144 19.02 7.16 -3.05
N TYR A 145 17.88 7.60 -2.46
CA TYR A 145 17.79 8.67 -1.48
C TYR A 145 18.35 8.31 -0.09
N LEU A 146 18.84 7.08 0.11
CA LEU A 146 19.50 6.66 1.35
C LEU A 146 20.93 7.21 1.32
N VAL A 147 21.53 7.32 0.12
CA VAL A 147 22.92 7.77 -0.09
C VAL A 147 23.07 9.07 -0.92
N ALA A 148 22.01 9.49 -1.64
CA ALA A 148 22.06 10.64 -2.52
C ALA A 148 21.16 11.77 -2.10
N ASP A 149 21.64 13.03 -2.25
CA ASP A 149 20.85 14.23 -1.92
C ASP A 149 20.14 14.79 -3.17
N ARG A 150 20.52 14.28 -4.36
CA ARG A 150 19.98 14.65 -5.65
C ARG A 150 20.17 13.46 -6.56
N VAL A 151 19.15 13.11 -7.33
CA VAL A 151 19.15 11.99 -8.28
C VAL A 151 18.69 12.53 -9.65
N THR A 152 19.51 12.28 -10.69
CA THR A 152 19.24 12.71 -12.07
C THR A 152 19.04 11.44 -12.89
N VAL A 153 17.90 11.34 -13.56
CA VAL A 153 17.53 10.18 -14.39
C VAL A 153 17.41 10.60 -15.86
N VAL A 154 18.41 10.24 -16.66
CA VAL A 154 18.45 10.50 -18.09
C VAL A 154 17.93 9.20 -18.71
N SER A 155 16.97 9.28 -19.59
CA SER A 155 16.45 8.07 -20.18
C SER A 155 16.03 8.31 -21.60
N LYS A 156 16.07 7.26 -22.41
CA LYS A 156 15.71 7.29 -23.81
C LYS A 156 15.02 5.99 -24.15
N ASN A 157 13.79 6.10 -24.65
CA ASN A 157 12.98 4.99 -25.14
C ASN A 157 12.91 5.12 -26.68
N ASN A 158 12.63 4.02 -27.40
CA ASN A 158 12.56 4.05 -28.87
C ASN A 158 11.44 4.96 -29.39
N GLU A 159 10.28 4.92 -28.71
CA GLU A 159 9.10 5.68 -29.04
C GLU A 159 9.18 7.18 -28.70
N ASP A 160 10.27 7.65 -28.03
CA ASP A 160 10.39 9.06 -27.63
C ASP A 160 11.82 9.59 -27.72
N ASP A 161 12.02 10.88 -27.37
CA ASP A 161 13.31 11.58 -27.34
C ASP A 161 13.90 11.40 -25.94
N ALA A 162 15.18 11.73 -25.74
CA ALA A 162 15.77 11.59 -24.41
C ALA A 162 15.34 12.75 -23.52
N TYR A 163 14.94 12.44 -22.31
CA TYR A 163 14.50 13.40 -21.32
C TYR A 163 15.21 13.16 -20.02
N THR A 164 15.30 14.21 -19.19
CA THR A 164 15.95 14.14 -17.89
C THR A 164 14.98 14.48 -16.75
N TRP A 165 14.82 13.53 -15.84
CA TRP A 165 14.05 13.67 -14.61
C TRP A 165 15.08 14.05 -13.53
N GLU A 166 14.76 14.96 -12.65
CA GLU A 166 15.68 15.36 -11.58
C GLU A 166 14.90 15.70 -10.34
N SER A 167 15.36 15.25 -9.17
CA SER A 167 14.75 15.58 -7.87
C SER A 167 15.77 15.55 -6.73
N SER A 168 15.74 16.64 -5.93
CA SER A 168 16.54 16.81 -4.72
C SER A 168 15.60 16.57 -3.54
N ALA A 169 14.46 15.88 -3.83
CA ALA A 169 13.34 15.55 -2.93
C ALA A 169 12.59 16.85 -2.62
N GLY A 170 12.00 16.98 -1.43
CA GLY A 170 11.30 18.20 -1.06
C GLY A 170 10.01 18.45 -1.81
N GLY A 171 9.37 17.36 -2.23
CA GLY A 171 8.08 17.35 -2.90
C GLY A 171 8.04 17.61 -4.39
N THR A 172 9.16 18.04 -4.99
CA THR A 172 9.19 18.35 -6.42
C THR A 172 10.22 17.58 -7.21
N PHE A 173 9.99 17.53 -8.53
CA PHE A 173 10.88 16.98 -9.54
C PHE A 173 10.71 17.77 -10.85
N THR A 174 11.70 17.67 -11.74
CA THR A 174 11.69 18.34 -13.05
C THR A 174 11.88 17.32 -14.14
N VAL A 175 11.31 17.59 -15.33
CA VAL A 175 11.45 16.74 -16.51
C VAL A 175 11.76 17.68 -17.68
N THR A 176 13.03 17.65 -18.12
CA THR A 176 13.57 18.50 -19.17
C THR A 176 13.95 17.68 -20.40
N SER A 177 13.72 18.27 -21.62
CA SER A 177 14.11 17.66 -22.91
C SER A 177 15.61 17.75 -23.04
N THR A 178 16.27 16.57 -23.12
CA THR A 178 17.72 16.52 -23.17
C THR A 178 18.30 15.58 -24.20
N PRO A 179 18.46 15.99 -25.47
CA PRO A 179 19.21 15.13 -26.42
C PRO A 179 20.72 15.12 -26.01
N ASP A 180 21.48 13.98 -26.02
CA ASP A 180 21.20 12.59 -26.41
C ASP A 180 22.11 11.64 -25.61
N LEU A 183 23.51 8.21 -25.43
CA LEU A 183 22.59 7.19 -24.96
C LEU A 183 21.55 6.90 -26.08
N LYS A 184 21.78 5.78 -26.81
CA LYS A 184 20.94 5.35 -27.93
C LYS A 184 19.56 4.83 -27.47
N ARG A 185 19.52 4.14 -26.30
CA ARG A 185 18.34 3.56 -25.64
C ARG A 185 18.74 3.14 -24.24
N GLY A 186 17.83 3.31 -23.28
CA GLY A 186 18.09 2.92 -21.90
C GLY A 186 18.01 4.06 -20.92
N THR A 187 18.54 3.82 -19.71
CA THR A 187 18.50 4.76 -18.59
C THR A 187 19.86 4.94 -17.91
N ARG A 188 20.21 6.21 -17.60
CA ARG A 188 21.41 6.61 -16.86
C ARG A 188 20.93 7.30 -15.56
N ILE A 189 21.17 6.69 -14.39
CA ILE A 189 20.80 7.27 -13.09
C ILE A 189 22.05 7.79 -12.42
N VAL A 190 22.15 9.12 -12.24
CA VAL A 190 23.30 9.81 -11.63
C VAL A 190 22.94 10.16 -10.22
N LEU A 191 23.67 9.62 -9.27
CA LEU A 191 23.42 9.89 -7.88
C LEU A 191 24.45 10.86 -7.35
N HIS A 192 24.02 12.02 -6.87
CA HIS A 192 24.96 12.94 -6.24
C HIS A 192 25.00 12.52 -4.79
N LEU A 193 26.08 11.87 -4.39
CA LEU A 193 26.22 11.32 -3.04
C LEU A 193 26.31 12.36 -1.95
N LYS A 194 25.72 12.04 -0.79
CA LYS A 194 25.76 12.87 0.42
C LYS A 194 27.19 12.85 0.96
N GLU A 195 27.62 13.90 1.71
CA GLU A 195 28.97 14.03 2.27
C GLU A 195 29.47 12.80 3.07
N ASP A 196 28.57 12.19 3.86
CA ASP A 196 28.82 10.99 4.68
C ASP A 196 28.76 9.65 3.88
N GLN A 197 28.46 9.71 2.56
CA GLN A 197 28.30 8.54 1.69
C GLN A 197 29.33 8.45 0.53
N GLN A 198 30.52 9.05 0.71
CA GLN A 198 31.59 9.10 -0.31
C GLN A 198 32.31 7.78 -0.50
N GLU A 199 31.97 6.78 0.34
CA GLU A 199 32.55 5.44 0.31
C GLU A 199 32.09 4.67 -0.93
N TYR A 200 30.99 5.12 -1.55
CA TYR A 200 30.41 4.52 -2.74
C TYR A 200 31.06 5.05 -4.02
N LEU A 201 32.23 5.70 -3.86
CA LEU A 201 33.10 6.15 -4.92
C LEU A 201 34.34 5.24 -4.94
N GLU A 202 34.65 4.57 -3.80
CA GLU A 202 35.80 3.64 -3.62
C GLU A 202 35.57 2.37 -4.41
N GLU A 203 36.60 1.95 -5.13
CA GLU A 203 36.63 0.80 -6.05
C GLU A 203 36.39 -0.52 -5.37
N ARG A 204 37.14 -0.81 -4.28
CA ARG A 204 37.02 -2.04 -3.50
C ARG A 204 35.59 -2.20 -2.99
N ARG A 205 34.98 -1.11 -2.47
CA ARG A 205 33.60 -1.08 -1.98
C ARG A 205 32.61 -1.48 -3.04
N LEU A 206 32.73 -0.90 -4.25
CA LEU A 206 31.80 -1.17 -5.37
C LEU A 206 32.01 -2.56 -5.92
N LYS A 207 33.27 -3.02 -5.99
CA LYS A 207 33.62 -4.34 -6.48
C LYS A 207 32.96 -5.39 -5.62
N ASP A 208 33.20 -5.34 -4.29
CA ASP A 208 32.65 -6.29 -3.34
C ASP A 208 31.14 -6.33 -3.41
N LEU A 209 30.48 -5.17 -3.53
CA LEU A 209 29.01 -5.04 -3.62
C LEU A 209 28.44 -5.56 -4.96
N ILE A 210 29.13 -5.29 -6.07
CA ILE A 210 28.68 -5.73 -7.39
C ILE A 210 28.85 -7.24 -7.53
N LYS A 211 30.02 -7.79 -7.09
CA LYS A 211 30.30 -9.21 -7.09
C LYS A 211 29.24 -9.98 -6.29
N LYS A 212 28.93 -9.53 -5.07
CA LYS A 212 27.96 -10.15 -4.16
C LYS A 212 26.53 -10.24 -4.77
N HIS A 213 26.22 -9.39 -5.81
CA HIS A 213 24.92 -9.27 -6.50
CA HIS A 213 24.91 -9.45 -6.44
C HIS A 213 24.86 -9.77 -7.94
N SER A 214 26.03 -9.83 -8.63
CA SER A 214 26.11 -10.23 -10.03
C SER A 214 25.63 -11.68 -10.21
N GLU A 215 25.81 -12.52 -9.16
CA GLU A 215 25.42 -13.92 -9.18
C GLU A 215 23.92 -14.14 -9.46
N PHE A 216 23.11 -13.06 -9.30
CA PHE A 216 21.65 -13.06 -9.42
C PHE A 216 21.13 -12.14 -10.52
N ILE A 217 22.03 -11.69 -11.40
CA ILE A 217 21.67 -10.81 -12.50
C ILE A 217 22.12 -11.47 -13.78
N GLY A 218 21.18 -11.63 -14.69
CA GLY A 218 21.40 -12.32 -15.96
C GLY A 218 21.99 -11.47 -17.06
N TYR A 219 22.72 -10.41 -16.67
CA TYR A 219 23.41 -9.47 -17.58
C TYR A 219 24.76 -9.14 -16.95
N ASP A 220 25.74 -8.84 -17.79
CA ASP A 220 27.06 -8.45 -17.31
C ASP A 220 27.01 -7.08 -16.64
N ILE A 221 27.68 -6.96 -15.49
CA ILE A 221 27.72 -5.70 -14.78
C ILE A 221 29.13 -5.16 -14.88
N GLU A 222 29.26 -4.07 -15.61
CA GLU A 222 30.55 -3.41 -15.82
C GLU A 222 30.80 -2.35 -14.75
N LEU A 223 31.93 -2.44 -14.06
CA LEU A 223 32.35 -1.40 -13.11
C LEU A 223 33.49 -0.62 -13.77
N MET A 224 33.41 0.75 -13.77
CA MET A 224 34.50 1.57 -14.31
C MET A 224 35.61 1.65 -13.31
N VAL A 225 36.79 1.18 -13.72
CA VAL A 225 37.98 1.18 -12.88
C VAL A 225 38.92 2.36 -13.12
N GLU A 226 39.62 2.80 -12.05
CA GLU A 226 40.55 3.95 -12.06
C GLU A 226 41.87 3.57 -12.70
N ASN A 227 42.26 4.35 -13.71
CA ASN A 227 43.48 4.15 -14.50
C ASN A 227 44.76 4.51 -13.73
N GLY B 18 -28.42 -25.35 -4.23
CA GLY B 18 -28.51 -26.71 -4.74
C GLY B 18 -27.33 -27.58 -4.34
N MET B 19 -27.11 -28.69 -5.09
CA MET B 19 -26.02 -29.63 -4.82
C MET B 19 -24.65 -29.08 -5.24
N THR B 20 -23.71 -29.02 -4.28
CA THR B 20 -22.33 -28.54 -4.46
C THR B 20 -21.41 -29.68 -4.88
N GLU B 21 -20.50 -29.40 -5.83
CA GLU B 21 -19.51 -30.31 -6.39
C GLU B 21 -18.14 -29.64 -6.25
N THR B 22 -17.21 -30.24 -5.47
CA THR B 22 -15.85 -29.69 -5.34
C THR B 22 -14.95 -30.36 -6.38
N PHE B 23 -14.06 -29.59 -7.02
CA PHE B 23 -13.11 -30.12 -8.00
C PHE B 23 -11.74 -29.41 -7.92
N ALA B 24 -10.67 -30.16 -8.22
CA ALA B 24 -9.28 -29.71 -8.21
C ALA B 24 -8.91 -29.01 -9.52
N PHE B 25 -8.16 -27.90 -9.40
CA PHE B 25 -7.67 -27.15 -10.56
C PHE B 25 -6.60 -27.97 -11.27
N GLN B 26 -6.69 -28.06 -12.63
CA GLN B 26 -5.68 -28.72 -13.45
C GLN B 26 -4.34 -27.96 -13.27
N ALA B 27 -3.21 -28.67 -13.41
CA ALA B 27 -1.84 -28.17 -13.18
C ALA B 27 -1.53 -26.73 -13.61
N GLU B 28 -1.82 -26.38 -14.89
CA GLU B 28 -1.57 -25.04 -15.46
C GLU B 28 -2.24 -23.88 -14.67
N ILE B 29 -3.58 -23.95 -14.46
CA ILE B 29 -4.35 -22.95 -13.72
C ILE B 29 -3.93 -22.91 -12.23
N ASN B 30 -3.52 -24.07 -11.68
CA ASN B 30 -3.04 -24.10 -10.31
C ASN B 30 -1.76 -23.28 -10.20
N GLN B 31 -0.84 -23.42 -11.19
CA GLN B 31 0.43 -22.71 -11.19
C GLN B 31 0.24 -21.20 -11.36
N LEU B 32 -0.64 -20.80 -12.28
CA LEU B 32 -0.98 -19.39 -12.51
C LEU B 32 -1.51 -18.71 -11.24
N MET B 33 -2.51 -19.34 -10.56
CA MET B 33 -3.11 -18.79 -9.31
C MET B 33 -2.08 -18.66 -8.21
N SER B 34 -1.20 -19.66 -8.08
CA SER B 34 -0.14 -19.63 -7.08
C SER B 34 0.81 -18.45 -7.32
N LEU B 35 1.15 -18.19 -8.61
CA LEU B 35 1.99 -17.06 -9.02
C LEU B 35 1.28 -15.75 -8.65
N ILE B 36 0.03 -15.52 -9.14
CA ILE B 36 -0.76 -14.31 -8.87
C ILE B 36 -0.87 -13.98 -7.37
N ILE B 37 -1.17 -15.01 -6.56
CA ILE B 37 -1.36 -14.86 -5.11
C ILE B 37 -0.06 -14.65 -4.30
N ASN B 38 0.97 -15.47 -4.56
CA ASN B 38 2.22 -15.43 -3.80
C ASN B 38 3.35 -14.51 -4.29
N THR B 39 3.13 -13.82 -5.41
CA THR B 39 4.12 -12.88 -5.93
C THR B 39 3.64 -11.47 -5.82
N PHE B 40 4.56 -10.58 -5.44
CA PHE B 40 4.18 -9.18 -5.33
CA PHE B 40 4.34 -9.16 -5.28
C PHE B 40 4.25 -8.50 -6.67
N TYR B 41 3.15 -7.78 -6.91
CA TYR B 41 2.87 -7.02 -8.10
C TYR B 41 2.28 -5.70 -7.65
N SER B 42 2.92 -4.59 -8.03
CA SER B 42 2.51 -3.23 -7.65
C SER B 42 1.23 -2.78 -8.38
N ASN B 43 1.10 -3.11 -9.67
CA ASN B 43 0.00 -2.70 -10.52
C ASN B 43 -1.25 -3.62 -10.45
N LYS B 44 -1.73 -3.90 -9.23
CA LYS B 44 -2.91 -4.75 -8.99
C LYS B 44 -4.22 -4.26 -9.69
N GLU B 45 -4.35 -2.91 -9.90
CA GLU B 45 -5.52 -2.26 -10.51
C GLU B 45 -5.95 -2.74 -11.87
N ILE B 46 -5.09 -3.49 -12.59
CA ILE B 46 -5.35 -4.07 -13.91
C ILE B 46 -6.51 -5.04 -13.89
N PHE B 47 -6.85 -5.57 -12.70
CA PHE B 47 -7.93 -6.54 -12.51
C PHE B 47 -9.26 -6.07 -13.07
N LEU B 48 -9.62 -4.77 -12.85
CA LEU B 48 -10.90 -4.20 -13.28
C LEU B 48 -11.08 -4.25 -14.78
N ARG B 49 -10.09 -3.73 -15.54
CA ARG B 49 -10.02 -3.72 -17.00
C ARG B 49 -10.21 -5.14 -17.55
N GLU B 50 -9.57 -6.14 -16.92
CA GLU B 50 -9.60 -7.54 -17.32
C GLU B 50 -10.99 -8.12 -17.20
N LEU B 51 -11.66 -7.88 -16.05
CA LEU B 51 -13.03 -8.33 -15.81
C LEU B 51 -14.01 -7.65 -16.74
N ILE B 52 -13.85 -6.34 -16.98
CA ILE B 52 -14.69 -5.55 -17.89
C ILE B 52 -14.49 -6.00 -19.34
N SER B 53 -13.27 -6.44 -19.68
CA SER B 53 -12.95 -6.95 -21.02
C SER B 53 -13.74 -8.22 -21.28
N ASN B 54 -13.73 -9.16 -20.32
CA ASN B 54 -14.45 -10.43 -20.40
C ASN B 54 -15.97 -10.18 -20.57
N SER B 55 -16.52 -9.18 -19.84
CA SER B 55 -17.93 -8.81 -19.91
C SER B 55 -18.29 -8.25 -21.28
N SER B 56 -17.42 -7.40 -21.84
CA SER B 56 -17.62 -6.82 -23.16
C SER B 56 -17.62 -7.92 -24.23
N ASP B 57 -16.68 -8.87 -24.13
CA ASP B 57 -16.60 -9.99 -25.05
C ASP B 57 -17.86 -10.86 -24.95
N ALA B 58 -18.37 -11.09 -23.72
CA ALA B 58 -19.59 -11.88 -23.46
C ALA B 58 -20.83 -11.19 -24.08
N CYS B 59 -20.88 -9.85 -24.02
CA CYS B 59 -21.94 -9.05 -24.62
C CYS B 59 -21.86 -9.17 -26.14
N ASP B 60 -20.63 -9.15 -26.69
CA ASP B 60 -20.39 -9.28 -28.13
C ASP B 60 -20.96 -10.59 -28.68
N LYS B 61 -20.69 -11.72 -27.96
CA LYS B 61 -21.07 -13.08 -28.33
C LYS B 61 -22.58 -13.26 -28.54
N ILE B 62 -23.43 -12.78 -27.58
CA ILE B 62 -24.88 -12.80 -27.75
C ILE B 62 -25.32 -11.73 -28.73
N ARG B 63 -24.65 -10.56 -28.72
CA ARG B 63 -25.03 -9.51 -29.67
C ARG B 63 -24.97 -10.05 -31.11
N TYR B 64 -23.94 -10.87 -31.46
CA TYR B 64 -23.85 -11.43 -32.82
C TYR B 64 -24.96 -12.41 -33.10
N GLN B 65 -25.39 -13.14 -32.05
CA GLN B 65 -26.46 -14.13 -32.15
C GLN B 65 -27.78 -13.41 -32.40
N SER B 66 -28.00 -12.28 -31.68
CA SER B 66 -29.17 -11.41 -31.76
C SER B 66 -29.33 -10.72 -33.11
N LEU B 67 -28.25 -10.62 -33.90
CA LEU B 67 -28.31 -9.97 -35.20
C LEU B 67 -29.11 -10.76 -36.21
N THR B 68 -29.08 -12.10 -36.12
CA THR B 68 -29.86 -12.99 -36.98
C THR B 68 -31.21 -13.31 -36.33
N ASN B 69 -31.21 -13.65 -35.01
CA ASN B 69 -32.41 -13.96 -34.23
C ASN B 69 -32.50 -13.11 -32.96
N GLN B 70 -33.34 -12.04 -32.98
CA GLN B 70 -33.51 -11.13 -31.83
C GLN B 70 -34.07 -11.78 -30.55
N SER B 71 -34.65 -12.99 -30.67
CA SER B 71 -35.24 -13.70 -29.55
C SER B 71 -34.23 -14.33 -28.60
N VAL B 72 -32.94 -14.39 -28.98
CA VAL B 72 -31.90 -14.95 -28.11
C VAL B 72 -31.76 -14.10 -26.84
N LEU B 73 -32.06 -12.78 -26.97
CA LEU B 73 -32.02 -11.81 -25.87
C LEU B 73 -33.12 -12.11 -24.85
N GLY B 74 -34.23 -12.67 -25.34
CA GLY B 74 -35.37 -13.08 -24.54
C GLY B 74 -35.89 -11.96 -23.68
N ASP B 75 -35.90 -12.22 -22.35
CA ASP B 75 -36.38 -11.28 -21.34
C ASP B 75 -35.34 -10.19 -20.94
N GLU B 76 -34.09 -10.32 -21.42
CA GLU B 76 -33.04 -9.32 -21.15
C GLU B 76 -32.48 -8.66 -22.42
N PRO B 77 -33.18 -7.68 -23.01
CA PRO B 77 -32.69 -7.07 -24.25
C PRO B 77 -31.51 -6.12 -24.15
N HIS B 78 -31.18 -5.65 -22.95
CA HIS B 78 -30.12 -4.64 -22.76
C HIS B 78 -28.77 -5.24 -22.49
N LEU B 79 -27.72 -4.78 -23.21
CA LEU B 79 -26.35 -5.27 -23.01
C LEU B 79 -25.56 -4.21 -22.29
N ARG B 80 -25.34 -4.44 -20.99
CA ARG B 80 -24.70 -3.51 -20.06
C ARG B 80 -23.72 -4.21 -19.14
N ILE B 81 -22.75 -3.43 -18.66
CA ILE B 81 -21.72 -3.86 -17.71
C ILE B 81 -21.90 -2.97 -16.45
N ARG B 82 -22.02 -3.60 -15.28
CA ARG B 82 -22.20 -2.88 -14.03
C ARG B 82 -21.07 -3.20 -13.08
N VAL B 83 -20.50 -2.16 -12.47
CA VAL B 83 -19.48 -2.29 -11.44
C VAL B 83 -20.12 -1.79 -10.14
N ILE B 84 -20.41 -2.72 -9.23
CA ILE B 84 -21.13 -2.46 -7.99
C ILE B 84 -20.29 -2.71 -6.74
N PRO B 85 -19.82 -1.66 -6.03
CA PRO B 85 -19.14 -1.91 -4.75
C PRO B 85 -20.14 -2.12 -3.62
N ASP B 86 -19.79 -2.94 -2.62
CA ASP B 86 -20.62 -3.16 -1.46
C ASP B 86 -19.76 -2.87 -0.24
N ARG B 87 -19.90 -1.65 0.32
CA ARG B 87 -19.11 -1.22 1.48
C ARG B 87 -19.39 -2.04 2.74
N VAL B 88 -20.62 -2.59 2.89
CA VAL B 88 -20.99 -3.40 4.06
C VAL B 88 -20.31 -4.76 4.03
N ASN B 89 -20.52 -5.52 2.95
CA ASN B 89 -19.96 -6.86 2.76
C ASN B 89 -18.52 -6.87 2.30
N LYS B 90 -17.99 -5.67 1.95
CA LYS B 90 -16.62 -5.46 1.50
C LYS B 90 -16.31 -6.26 0.23
N THR B 91 -17.21 -6.15 -0.76
CA THR B 91 -17.10 -6.84 -2.06
C THR B 91 -17.18 -5.87 -3.24
N LEU B 92 -16.61 -6.28 -4.40
CA LEU B 92 -16.70 -5.56 -5.65
C LEU B 92 -17.31 -6.48 -6.69
N THR B 93 -18.46 -6.09 -7.24
CA THR B 93 -19.14 -6.93 -8.23
C THR B 93 -18.98 -6.35 -9.62
N VAL B 94 -18.64 -7.21 -10.57
CA VAL B 94 -18.60 -6.84 -11.97
C VAL B 94 -19.62 -7.75 -12.64
N GLU B 95 -20.76 -7.18 -13.04
CA GLU B 95 -21.78 -7.98 -13.71
C GLU B 95 -22.10 -7.54 -15.13
N ASP B 96 -22.58 -8.49 -15.94
CA ASP B 96 -22.95 -8.23 -17.32
C ASP B 96 -24.15 -9.06 -17.78
N SER B 97 -24.82 -8.55 -18.84
CA SER B 97 -25.94 -9.23 -19.48
C SER B 97 -25.45 -9.89 -20.79
N GLY B 98 -24.24 -10.46 -20.72
CA GLY B 98 -23.57 -11.13 -21.83
C GLY B 98 -24.10 -12.51 -22.07
N ILE B 99 -23.38 -13.30 -22.86
CA ILE B 99 -23.77 -14.66 -23.27
C ILE B 99 -23.93 -15.63 -22.09
N GLY B 100 -23.09 -15.50 -21.08
CA GLY B 100 -23.12 -16.39 -19.93
C GLY B 100 -22.32 -17.69 -20.10
N MET B 101 -22.22 -18.46 -19.03
CA MET B 101 -21.49 -19.71 -19.07
C MET B 101 -22.32 -20.88 -18.63
N THR B 102 -22.12 -22.04 -19.29
CA THR B 102 -22.82 -23.29 -18.97
C THR B 102 -22.15 -23.99 -17.80
N LYS B 103 -22.78 -25.05 -17.22
CA LYS B 103 -22.18 -25.83 -16.13
C LYS B 103 -20.82 -26.31 -16.61
N ALA B 104 -20.75 -26.86 -17.85
CA ALA B 104 -19.53 -27.32 -18.51
C ALA B 104 -18.42 -26.23 -18.53
N ASP B 105 -18.73 -24.99 -18.98
CA ASP B 105 -17.74 -23.90 -18.99
C ASP B 105 -17.15 -23.68 -17.59
N LEU B 106 -18.01 -23.69 -16.56
CA LEU B 106 -17.63 -23.48 -15.16
C LEU B 106 -16.84 -24.63 -14.55
N VAL B 107 -17.34 -25.87 -14.69
CA VAL B 107 -16.72 -27.11 -14.19
C VAL B 107 -15.36 -27.37 -14.84
N ASN B 108 -15.22 -27.05 -16.13
CA ASN B 108 -14.00 -27.29 -16.89
C ASN B 108 -13.03 -26.11 -16.95
N ASN B 109 -13.43 -24.95 -16.37
CA ASN B 109 -12.67 -23.70 -16.37
C ASN B 109 -12.35 -23.27 -17.78
N LEU B 110 -13.39 -23.29 -18.64
CA LEU B 110 -13.33 -22.94 -20.07
C LEU B 110 -12.47 -23.89 -20.90
N GLY B 111 -12.09 -24.99 -20.26
CA GLY B 111 -11.33 -26.09 -20.83
C GLY B 111 -10.02 -25.73 -21.50
N THR B 112 -9.90 -26.25 -22.75
CA THR B 112 -8.75 -26.16 -23.65
C THR B 112 -8.23 -24.72 -23.88
N ILE B 113 -9.15 -23.76 -24.10
CA ILE B 113 -8.80 -22.34 -24.32
C ILE B 113 -7.97 -21.74 -23.17
N ALA B 114 -8.40 -21.98 -21.90
CA ALA B 114 -7.74 -21.51 -20.69
C ALA B 114 -6.43 -22.25 -20.41
N ARG B 115 -6.42 -23.54 -20.74
CA ARG B 115 -5.27 -24.44 -20.51
C ARG B 115 -4.07 -24.08 -21.38
N SER B 116 -4.34 -23.72 -22.65
CA SER B 116 -3.37 -23.27 -23.64
C SER B 116 -2.91 -21.86 -23.32
N GLY B 117 -3.88 -21.01 -22.96
CA GLY B 117 -3.67 -19.60 -22.63
C GLY B 117 -2.76 -19.44 -21.45
N THR B 118 -3.03 -20.21 -20.38
CA THR B 118 -2.26 -20.25 -19.15
C THR B 118 -0.83 -20.67 -19.47
N LYS B 119 -0.64 -21.73 -20.29
CA LYS B 119 0.69 -22.21 -20.68
C LYS B 119 1.46 -21.21 -21.54
N SER B 120 0.78 -20.45 -22.44
CA SER B 120 1.45 -19.45 -23.30
C SER B 120 1.83 -18.20 -22.52
N PHE B 121 0.99 -17.84 -21.54
CA PHE B 121 1.22 -16.71 -20.65
C PHE B 121 2.39 -17.00 -19.76
N MET B 122 2.38 -18.15 -19.04
CA MET B 122 3.47 -18.60 -18.16
C MET B 122 4.79 -18.54 -18.90
N GLU B 123 4.77 -18.91 -20.20
CA GLU B 123 5.93 -18.85 -21.09
C GLU B 123 6.38 -17.41 -21.32
N ALA B 124 5.42 -16.49 -21.62
CA ALA B 124 5.68 -15.06 -21.82
C ALA B 124 6.37 -14.47 -20.60
N LEU B 125 5.81 -14.74 -19.40
CA LEU B 125 6.33 -14.35 -18.09
C LEU B 125 7.76 -14.84 -17.88
N GLU B 126 8.05 -16.10 -18.22
CA GLU B 126 9.42 -16.67 -18.09
C GLU B 126 10.40 -15.98 -19.01
N ALA B 127 9.90 -15.45 -20.16
CA ALA B 127 10.70 -14.77 -21.18
C ALA B 127 10.80 -13.22 -21.10
N GLY B 128 10.24 -12.62 -20.06
CA GLY B 128 10.33 -11.17 -19.86
C GLY B 128 9.01 -10.45 -19.97
N GLY B 129 7.95 -11.22 -20.22
CA GLY B 129 6.62 -10.66 -20.28
C GLY B 129 6.20 -10.25 -18.88
N ASP B 130 5.01 -9.66 -18.73
CA ASP B 130 4.59 -9.27 -17.39
C ASP B 130 3.12 -9.52 -17.17
N MET B 131 2.70 -9.46 -15.90
CA MET B 131 1.35 -9.68 -15.46
C MET B 131 0.29 -8.83 -16.20
N SER B 132 0.61 -7.57 -16.56
CA SER B 132 -0.32 -6.69 -17.28
C SER B 132 -0.79 -7.26 -18.64
N MET B 133 -0.05 -8.23 -19.18
CA MET B 133 -0.29 -8.89 -20.46
C MET B 133 -1.22 -10.10 -20.33
N ILE B 134 -1.69 -10.42 -19.11
CA ILE B 134 -2.57 -11.56 -18.81
C ILE B 134 -3.76 -11.72 -19.79
N GLY B 135 -4.42 -10.62 -20.12
CA GLY B 135 -5.55 -10.60 -21.05
C GLY B 135 -5.23 -10.99 -22.47
N GLN B 136 -3.96 -10.77 -22.91
CA GLN B 136 -3.51 -11.14 -24.25
C GLN B 136 -3.56 -12.65 -24.47
N PHE B 137 -3.66 -13.43 -23.37
CA PHE B 137 -3.70 -14.89 -23.38
C PHE B 137 -5.07 -15.45 -23.03
N GLY B 138 -6.05 -14.55 -22.86
CA GLY B 138 -7.43 -14.88 -22.58
C GLY B 138 -7.69 -15.41 -21.19
N VAL B 139 -6.71 -15.32 -20.30
CA VAL B 139 -6.81 -15.79 -18.90
C VAL B 139 -6.92 -14.64 -17.85
N GLY B 140 -7.29 -13.45 -18.33
CA GLY B 140 -7.48 -12.22 -17.56
C GLY B 140 -8.38 -12.31 -16.33
N PHE B 141 -9.36 -13.25 -16.33
CA PHE B 141 -10.24 -13.49 -15.20
C PHE B 141 -9.42 -13.73 -13.93
N TYR B 142 -8.30 -14.47 -14.02
CA TYR B 142 -7.46 -14.80 -12.86
C TYR B 142 -6.79 -13.62 -12.13
N SER B 143 -6.69 -12.45 -12.83
CA SER B 143 -6.16 -11.23 -12.24
C SER B 143 -7.02 -10.77 -11.06
N ALA B 144 -8.26 -11.28 -10.94
CA ALA B 144 -9.16 -10.99 -9.83
C ALA B 144 -8.46 -11.34 -8.51
N TYR B 145 -7.62 -12.41 -8.53
CA TYR B 145 -6.85 -12.90 -7.39
C TYR B 145 -5.68 -12.01 -6.97
N LEU B 146 -5.45 -10.90 -7.68
CA LEU B 146 -4.44 -9.92 -7.28
C LEU B 146 -5.01 -9.07 -6.13
N VAL B 147 -6.35 -8.85 -6.13
CA VAL B 147 -7.06 -8.01 -5.14
C VAL B 147 -8.09 -8.77 -4.27
N ALA B 148 -8.49 -9.98 -4.69
CA ALA B 148 -9.51 -10.75 -3.99
C ALA B 148 -8.97 -12.04 -3.39
N ASP B 149 -9.46 -12.38 -2.18
CA ASP B 149 -9.08 -13.62 -1.49
C ASP B 149 -10.08 -14.76 -1.78
N ARG B 150 -11.23 -14.40 -2.38
CA ARG B 150 -12.31 -15.30 -2.76
C ARG B 150 -13.04 -14.64 -3.92
N VAL B 151 -13.37 -15.41 -4.96
CA VAL B 151 -14.10 -14.97 -6.15
C VAL B 151 -15.29 -15.91 -6.36
N THR B 152 -16.50 -15.32 -6.45
CA THR B 152 -17.74 -16.05 -6.69
C THR B 152 -18.26 -15.64 -8.07
N VAL B 153 -18.47 -16.63 -8.94
CA VAL B 153 -18.93 -16.44 -10.31
C VAL B 153 -20.29 -17.09 -10.51
N VAL B 154 -21.33 -16.25 -10.58
CA VAL B 154 -22.69 -16.68 -10.86
C VAL B 154 -22.84 -16.45 -12.36
N SER B 155 -23.22 -17.48 -13.11
CA SER B 155 -23.37 -17.35 -14.54
C SER B 155 -24.56 -18.10 -15.09
N LYS B 156 -25.21 -17.51 -16.11
CA LYS B 156 -26.35 -18.09 -16.78
C LYS B 156 -26.29 -17.92 -18.31
N ASN B 157 -26.31 -19.04 -19.03
CA ASN B 157 -26.34 -19.12 -20.49
C ASN B 157 -27.72 -19.66 -20.84
N ASN B 158 -28.28 -19.29 -22.03
CA ASN B 158 -29.59 -19.72 -22.56
C ASN B 158 -29.70 -21.22 -22.66
N GLU B 159 -28.61 -21.89 -23.07
CA GLU B 159 -28.55 -23.34 -23.26
C GLU B 159 -28.46 -24.16 -21.95
N ASP B 160 -28.35 -23.50 -20.76
CA ASP B 160 -28.23 -24.22 -19.48
C ASP B 160 -28.98 -23.52 -18.34
N ASP B 161 -28.84 -24.03 -17.11
CA ASP B 161 -29.42 -23.47 -15.87
C ASP B 161 -28.37 -22.59 -15.20
N ALA B 162 -28.74 -21.86 -14.15
CA ALA B 162 -27.73 -21.00 -13.49
C ALA B 162 -26.88 -21.76 -12.51
N TYR B 163 -25.58 -21.53 -12.61
CA TYR B 163 -24.63 -22.19 -11.73
C TYR B 163 -23.70 -21.18 -11.05
N THR B 164 -23.19 -21.56 -9.88
CA THR B 164 -22.26 -20.71 -9.13
C THR B 164 -20.93 -21.40 -8.90
N TRP B 165 -19.87 -20.75 -9.42
CA TRP B 165 -18.49 -21.14 -9.29
C TRP B 165 -17.89 -20.35 -8.14
N GLU B 166 -17.13 -21.00 -7.26
CA GLU B 166 -16.51 -20.31 -6.14
C GLU B 166 -15.14 -20.90 -5.86
N SER B 167 -14.13 -20.03 -5.66
CA SER B 167 -12.78 -20.45 -5.28
C SER B 167 -12.05 -19.40 -4.44
N SER B 168 -11.48 -19.85 -3.33
CA SER B 168 -10.64 -19.08 -2.42
C SER B 168 -9.19 -19.48 -2.71
N ALA B 169 -8.98 -20.07 -3.91
CA ALA B 169 -7.74 -20.64 -4.44
C ALA B 169 -7.40 -21.90 -3.61
N GLY B 170 -6.11 -22.19 -3.40
CA GLY B 170 -5.68 -23.37 -2.65
C GLY B 170 -5.97 -24.69 -3.34
N GLY B 171 -5.98 -24.67 -4.66
CA GLY B 171 -6.17 -25.83 -5.52
C GLY B 171 -7.59 -26.27 -5.82
N THR B 172 -8.58 -25.79 -5.06
CA THR B 172 -9.97 -26.23 -5.26
C THR B 172 -10.95 -25.13 -5.62
N PHE B 173 -12.09 -25.58 -6.17
CA PHE B 173 -13.23 -24.73 -6.57
C PHE B 173 -14.51 -25.53 -6.54
N THR B 174 -15.63 -24.82 -6.35
CA THR B 174 -16.94 -25.47 -6.30
C THR B 174 -17.82 -24.94 -7.40
N VAL B 175 -18.71 -25.79 -7.92
CA VAL B 175 -19.70 -25.44 -8.94
C VAL B 175 -21.03 -26.01 -8.44
N THR B 176 -21.91 -25.11 -7.96
CA THR B 176 -23.21 -25.44 -7.39
C THR B 176 -24.35 -24.94 -8.29
N SER B 177 -25.44 -25.75 -8.42
CA SER B 177 -26.65 -25.37 -9.18
C SER B 177 -27.35 -24.33 -8.35
N THR B 178 -27.34 -23.09 -8.83
CA THR B 178 -27.85 -21.98 -8.05
C THR B 178 -28.72 -21.01 -8.86
N PRO B 179 -30.03 -21.32 -9.06
CA PRO B 179 -30.90 -20.38 -9.82
C PRO B 179 -31.10 -19.01 -9.16
N LYS B 184 -31.27 -14.07 -15.32
CA LYS B 184 -31.82 -13.69 -16.62
C LYS B 184 -31.00 -14.32 -17.75
N ARG B 185 -29.65 -14.01 -17.77
CA ARG B 185 -28.58 -14.39 -18.70
C ARG B 185 -27.35 -13.51 -18.38
N GLY B 186 -26.16 -14.08 -18.52
CA GLY B 186 -24.92 -13.36 -18.26
C GLY B 186 -24.18 -13.83 -17.05
N THR B 187 -23.25 -13.01 -16.60
CA THR B 187 -22.34 -13.33 -15.51
C THR B 187 -22.31 -12.23 -14.44
N ARG B 188 -22.14 -12.66 -13.19
CA ARG B 188 -21.99 -11.80 -12.02
C ARG B 188 -20.75 -12.31 -11.27
N ILE B 189 -19.66 -11.53 -11.27
CA ILE B 189 -18.42 -11.88 -10.59
C ILE B 189 -18.30 -11.04 -9.33
N VAL B 190 -18.37 -11.69 -8.15
CA VAL B 190 -18.30 -11.03 -6.83
C VAL B 190 -16.91 -11.25 -6.28
N LEU B 191 -16.19 -10.18 -6.07
CA LEU B 191 -14.82 -10.27 -5.56
C LEU B 191 -14.81 -9.89 -4.11
N HIS B 192 -14.39 -10.82 -3.23
CA HIS B 192 -14.26 -10.48 -1.82
C HIS B 192 -12.85 -9.91 -1.69
N LEU B 193 -12.74 -8.58 -1.57
CA LEU B 193 -11.45 -7.89 -1.51
C LEU B 193 -10.63 -8.21 -0.28
N LYS B 194 -9.31 -8.29 -0.48
CA LYS B 194 -8.30 -8.48 0.57
C LYS B 194 -8.30 -7.21 1.46
N GLU B 195 -7.97 -7.34 2.77
CA GLU B 195 -7.96 -6.26 3.77
C GLU B 195 -7.20 -4.99 3.30
N ASP B 196 -6.05 -5.16 2.63
CA ASP B 196 -5.19 -4.09 2.08
C ASP B 196 -5.73 -3.48 0.77
N GLN B 197 -6.83 -4.05 0.20
CA GLN B 197 -7.42 -3.66 -1.10
C GLN B 197 -8.81 -3.05 -1.03
N GLN B 198 -9.14 -2.42 0.10
CA GLN B 198 -10.45 -1.78 0.35
C GLN B 198 -10.68 -0.48 -0.45
N GLU B 199 -9.62 0.05 -1.13
CA GLU B 199 -9.68 1.25 -1.97
C GLU B 199 -10.59 0.98 -3.18
N TYR B 200 -10.71 -0.28 -3.60
CA TYR B 200 -11.54 -0.63 -4.74
C TYR B 200 -13.04 -0.67 -4.40
N LEU B 201 -13.40 -0.08 -3.25
CA LEU B 201 -14.77 0.13 -2.78
C LEU B 201 -15.10 1.61 -2.91
N GLU B 202 -14.07 2.47 -2.99
CA GLU B 202 -14.19 3.92 -3.14
C GLU B 202 -14.68 4.29 -4.54
N GLU B 203 -15.62 5.23 -4.58
CA GLU B 203 -16.28 5.74 -5.77
C GLU B 203 -15.32 6.48 -6.71
N ARG B 204 -14.50 7.42 -6.17
CA ARG B 204 -13.52 8.18 -6.95
C ARG B 204 -12.51 7.21 -7.57
N ARG B 205 -12.00 6.25 -6.75
CA ARG B 205 -11.05 5.24 -7.21
C ARG B 205 -11.58 4.45 -8.39
N LEU B 206 -12.85 4.01 -8.33
CA LEU B 206 -13.49 3.23 -9.39
C LEU B 206 -13.78 4.07 -10.65
N LYS B 207 -14.40 5.25 -10.49
CA LYS B 207 -14.74 6.17 -11.58
C LYS B 207 -13.48 6.49 -12.44
N ASP B 208 -12.37 6.93 -11.81
CA ASP B 208 -11.10 7.22 -12.49
C ASP B 208 -10.49 5.96 -13.13
N LEU B 209 -10.59 4.80 -12.45
CA LEU B 209 -10.10 3.52 -12.96
C LEU B 209 -10.90 3.03 -14.21
N ILE B 210 -12.24 3.24 -14.21
CA ILE B 210 -13.10 2.83 -15.32
C ILE B 210 -12.82 3.75 -16.53
N LYS B 211 -12.79 5.07 -16.31
CA LYS B 211 -12.50 6.09 -17.31
C LYS B 211 -11.16 5.85 -17.97
N LYS B 212 -10.11 5.59 -17.17
CA LYS B 212 -8.73 5.38 -17.62
C LYS B 212 -8.49 4.21 -18.52
N HIS B 213 -9.06 3.05 -18.22
CA HIS B 213 -8.78 1.85 -19.03
C HIS B 213 -9.95 1.27 -19.81
N SER B 214 -11.09 1.98 -19.88
CA SER B 214 -12.24 1.50 -20.63
C SER B 214 -12.91 2.56 -21.53
N GLU B 215 -12.35 2.67 -22.75
CA GLU B 215 -12.78 3.55 -23.84
C GLU B 215 -12.71 2.75 -25.14
N PHE B 216 -12.08 1.55 -25.07
CA PHE B 216 -11.99 0.56 -26.15
C PHE B 216 -13.19 -0.43 -26.07
N ILE B 217 -13.99 -0.35 -24.97
CA ILE B 217 -15.20 -1.13 -24.69
C ILE B 217 -16.42 -0.36 -25.24
N GLY B 218 -17.27 -1.06 -25.99
CA GLY B 218 -18.41 -0.50 -26.70
C GLY B 218 -19.76 -0.73 -26.06
N TYR B 219 -19.78 -0.71 -24.73
CA TYR B 219 -20.97 -0.88 -23.90
C TYR B 219 -20.86 0.09 -22.74
N ASP B 220 -22.01 0.58 -22.25
CA ASP B 220 -22.03 1.51 -21.13
C ASP B 220 -21.59 0.79 -19.85
N ILE B 221 -20.73 1.44 -19.07
CA ILE B 221 -20.25 0.89 -17.81
C ILE B 221 -20.89 1.68 -16.68
N GLU B 222 -21.83 1.04 -15.99
CA GLU B 222 -22.55 1.62 -14.87
C GLU B 222 -21.80 1.35 -13.59
N LEU B 223 -21.56 2.40 -12.82
CA LEU B 223 -20.94 2.31 -11.52
C LEU B 223 -22.05 2.63 -10.48
N MET B 224 -22.39 1.67 -9.60
CA MET B 224 -23.45 1.85 -8.58
C MET B 224 -22.90 2.38 -7.25
N VAL B 225 -22.93 3.69 -7.06
CA VAL B 225 -22.45 4.30 -5.81
C VAL B 225 -23.57 4.22 -4.71
N GLU B 226 -23.16 4.13 -3.42
CA GLU B 226 -24.07 4.07 -2.27
C GLU B 226 -24.67 5.44 -1.94
N MET C 19 -6.63 31.95 26.49
CA MET C 19 -6.95 30.57 26.89
C MET C 19 -6.27 29.53 26.00
N THR C 20 -6.61 29.47 24.68
CA THR C 20 -6.01 28.50 23.73
C THR C 20 -4.68 28.98 23.18
N GLU C 21 -3.68 28.09 23.13
CA GLU C 21 -2.35 28.32 22.61
C GLU C 21 -2.08 27.22 21.56
N THR C 22 -1.84 27.58 20.28
CA THR C 22 -1.54 26.62 19.22
C THR C 22 -0.03 26.40 19.17
N PHE C 23 0.36 25.12 18.92
CA PHE C 23 1.74 24.68 18.86
C PHE C 23 1.95 23.79 17.67
N ALA C 24 3.21 23.71 17.22
CA ALA C 24 3.64 22.84 16.15
C ALA C 24 4.34 21.62 16.76
N PHE C 25 3.96 20.44 16.29
CA PHE C 25 4.61 19.20 16.68
C PHE C 25 6.01 19.25 16.11
N GLN C 26 6.99 18.74 16.85
CA GLN C 26 8.34 18.67 16.34
C GLN C 26 8.41 17.55 15.29
N ALA C 27 9.35 17.65 14.32
CA ALA C 27 9.57 16.74 13.18
C ALA C 27 9.30 15.24 13.43
N GLU C 28 9.95 14.64 14.44
CA GLU C 28 9.85 13.23 14.83
C GLU C 28 8.39 12.78 15.03
N ILE C 29 7.63 13.46 15.93
CA ILE C 29 6.22 13.13 16.16
C ILE C 29 5.36 13.30 14.86
N ASN C 30 5.64 14.34 14.02
CA ASN C 30 4.96 14.57 12.74
C ASN C 30 5.10 13.37 11.84
N GLN C 31 6.33 12.84 11.77
CA GLN C 31 6.71 11.68 10.97
C GLN C 31 5.97 10.45 11.44
N LEU C 32 5.90 10.25 12.76
CA LEU C 32 5.18 9.13 13.37
C LEU C 32 3.68 9.21 13.10
N MET C 33 3.06 10.37 13.34
CA MET C 33 1.64 10.60 13.11
C MET C 33 1.25 10.45 11.65
N SER C 34 2.10 10.96 10.73
CA SER C 34 1.87 10.81 9.29
C SER C 34 1.87 9.31 8.92
N LEU C 35 2.80 8.52 9.49
CA LEU C 35 2.90 7.07 9.25
C LEU C 35 1.63 6.38 9.74
N ILE C 36 1.28 6.53 11.03
CA ILE C 36 0.10 5.95 11.67
C ILE C 36 -1.20 6.26 10.90
N ILE C 37 -1.39 7.52 10.47
CA ILE C 37 -2.58 8.00 9.79
C ILE C 37 -2.68 7.56 8.32
N ASN C 38 -1.62 7.74 7.55
CA ASN C 38 -1.61 7.44 6.12
C ASN C 38 -1.23 6.02 5.66
N THR C 39 -0.97 5.12 6.60
CA THR C 39 -0.60 3.75 6.25
C THR C 39 -1.65 2.81 6.78
N PHE C 40 -2.00 1.80 5.94
CA PHE C 40 -2.94 0.74 6.28
C PHE C 40 -2.22 -0.21 7.21
N TYR C 41 -2.87 -0.47 8.34
CA TYR C 41 -2.45 -1.37 9.40
C TYR C 41 -3.71 -2.14 9.78
N SER C 42 -3.65 -3.46 9.69
CA SER C 42 -4.80 -4.35 9.95
C SER C 42 -5.13 -4.43 11.42
N ASN C 43 -4.10 -4.52 12.27
CA ASN C 43 -4.20 -4.66 13.72
C ASN C 43 -4.40 -3.35 14.49
N LYS C 44 -5.34 -2.49 14.07
CA LYS C 44 -5.61 -1.20 14.74
C LYS C 44 -6.02 -1.33 16.22
N GLU C 45 -6.65 -2.47 16.61
CA GLU C 45 -7.13 -2.75 17.97
C GLU C 45 -6.11 -2.63 19.12
N ILE C 46 -4.81 -2.62 18.81
CA ILE C 46 -3.69 -2.47 19.75
C ILE C 46 -3.73 -1.14 20.51
N PHE C 47 -4.46 -0.11 19.97
CA PHE C 47 -4.59 1.22 20.59
C PHE C 47 -5.14 1.16 22.01
N LEU C 48 -6.13 0.27 22.26
CA LEU C 48 -6.74 0.16 23.57
C LEU C 48 -5.73 -0.22 24.64
N ARG C 49 -4.98 -1.31 24.41
CA ARG C 49 -3.93 -1.80 25.30
C ARG C 49 -2.89 -0.71 25.60
N GLU C 50 -2.51 0.08 24.58
CA GLU C 50 -1.53 1.15 24.69
C GLU C 50 -1.98 2.26 25.59
N LEU C 51 -3.22 2.76 25.39
CA LEU C 51 -3.89 3.77 26.22
C LEU C 51 -3.98 3.27 27.70
N ILE C 52 -4.44 2.00 27.89
CA ILE C 52 -4.60 1.36 29.21
C ILE C 52 -3.26 1.19 29.89
N SER C 53 -2.19 0.96 29.11
CA SER C 53 -0.83 0.82 29.63
C SER C 53 -0.39 2.14 30.24
N ASN C 54 -0.59 3.26 29.51
CA ASN C 54 -0.27 4.63 29.97
C ASN C 54 -1.00 4.95 31.27
N SER C 55 -2.30 4.58 31.35
CA SER C 55 -3.17 4.76 32.52
C SER C 55 -2.61 4.05 33.74
N SER C 56 -2.17 2.78 33.54
CA SER C 56 -1.61 1.93 34.59
C SER C 56 -0.28 2.52 35.10
N ASP C 57 0.58 2.99 34.17
CA ASP C 57 1.85 3.61 34.52
C ASP C 57 1.62 4.89 35.33
N ALA C 58 0.61 5.70 34.94
CA ALA C 58 0.24 6.94 35.65
C ALA C 58 -0.24 6.66 37.09
N CYS C 59 -1.00 5.55 37.27
CA CYS C 59 -1.48 5.09 38.56
C CYS C 59 -0.29 4.65 39.40
N ASP C 60 0.69 3.96 38.78
CA ASP C 60 1.89 3.50 39.45
C ASP C 60 2.68 4.65 40.04
N LYS C 61 2.91 5.73 39.26
CA LYS C 61 3.67 6.92 39.67
C LYS C 61 3.01 7.59 40.88
N ILE C 62 1.67 7.79 40.84
CA ILE C 62 0.90 8.35 41.95
C ILE C 62 0.94 7.42 43.18
N ARG C 63 0.93 6.09 42.95
CA ARG C 63 0.97 5.05 43.99
C ARG C 63 2.32 5.02 44.69
N TYR C 64 3.44 5.05 43.91
CA TYR C 64 4.80 5.06 44.45
C TYR C 64 5.03 6.31 45.31
N GLN C 65 4.50 7.48 44.86
CA GLN C 65 4.62 8.75 45.58
C GLN C 65 3.87 8.70 46.89
N SER C 66 2.65 8.10 46.88
CA SER C 66 1.76 7.93 48.04
C SER C 66 2.32 7.04 49.14
N LEU C 67 3.31 6.19 48.79
CA LEU C 67 3.95 5.28 49.75
C LEU C 67 4.72 6.05 50.83
N THR C 68 5.40 7.15 50.44
CA THR C 68 6.15 8.02 51.36
C THR C 68 5.24 9.14 51.91
N ASN C 69 4.48 9.82 51.03
CA ASN C 69 3.55 10.90 51.39
C ASN C 69 2.14 10.61 50.90
N GLN C 70 1.24 10.20 51.83
CA GLN C 70 -0.15 9.85 51.52
C GLN C 70 -1.03 10.97 50.91
N SER C 71 -0.56 12.23 50.93
CA SER C 71 -1.30 13.35 50.33
C SER C 71 -1.13 13.40 48.76
N VAL C 72 -2.18 13.19 47.93
CA VAL C 72 -3.59 12.92 48.26
C VAL C 72 -4.17 11.87 47.30
N PRO C 77 -8.06 9.10 47.17
CA PRO C 77 -8.71 8.54 45.97
C PRO C 77 -8.21 7.15 45.58
N HIS C 78 -9.12 6.35 44.98
CA HIS C 78 -8.85 5.00 44.47
C HIS C 78 -8.13 5.11 43.13
N LEU C 79 -7.39 4.08 42.75
CA LEU C 79 -6.66 4.07 41.49
C LEU C 79 -7.34 3.12 40.54
N ARG C 80 -8.03 3.70 39.55
CA ARG C 80 -8.86 2.98 38.60
C ARG C 80 -8.68 3.50 37.18
N ILE C 81 -8.98 2.62 36.22
CA ILE C 81 -8.97 2.90 34.80
C ILE C 81 -10.40 2.67 34.33
N ARG C 82 -10.92 3.60 33.53
CA ARG C 82 -12.27 3.50 33.00
C ARG C 82 -12.27 3.64 31.51
N VAL C 83 -12.97 2.71 30.83
CA VAL C 83 -13.19 2.72 29.38
C VAL C 83 -14.69 3.07 29.19
N ILE C 84 -14.95 4.29 28.71
CA ILE C 84 -16.30 4.79 28.52
C ILE C 84 -16.65 5.07 27.07
N PRO C 85 -17.43 4.21 26.38
CA PRO C 85 -17.86 4.56 25.02
C PRO C 85 -19.07 5.52 25.08
N ASP C 86 -19.20 6.40 24.07
CA ASP C 86 -20.31 7.30 23.93
C ASP C 86 -20.87 7.13 22.53
N ARG C 87 -21.93 6.33 22.40
CA ARG C 87 -22.61 6.06 21.14
C ARG C 87 -23.22 7.32 20.48
N VAL C 88 -23.65 8.32 21.29
CA VAL C 88 -24.24 9.56 20.79
C VAL C 88 -23.19 10.44 20.12
N ASN C 89 -22.13 10.80 20.86
CA ASN C 89 -21.04 11.65 20.41
C ASN C 89 -20.01 10.93 19.56
N LYS C 90 -20.11 9.58 19.50
CA LYS C 90 -19.23 8.68 18.74
C LYS C 90 -17.78 8.81 19.20
N THR C 91 -17.57 8.74 20.54
CA THR C 91 -16.25 8.82 21.18
C THR C 91 -15.96 7.63 22.09
N LEU C 92 -14.65 7.34 22.31
CA LEU C 92 -14.17 6.34 23.25
C LEU C 92 -13.27 7.02 24.26
N THR C 93 -13.64 6.98 25.54
CA THR C 93 -12.87 7.62 26.58
C THR C 93 -12.08 6.62 27.40
N VAL C 94 -10.80 6.89 27.59
CA VAL C 94 -9.97 6.08 28.47
C VAL C 94 -9.53 7.06 29.55
N GLU C 95 -10.08 6.90 30.76
CA GLU C 95 -9.71 7.78 31.86
C GLU C 95 -9.09 7.06 33.05
N ASP C 96 -8.26 7.78 33.81
CA ASP C 96 -7.58 7.25 34.97
C ASP C 96 -7.42 8.27 36.08
N SER C 97 -7.25 7.76 37.31
CA SER C 97 -6.99 8.54 38.52
C SER C 97 -5.48 8.44 38.84
N GLY C 98 -4.65 8.52 37.80
CA GLY C 98 -3.21 8.46 37.90
C GLY C 98 -2.57 9.80 38.28
N ILE C 99 -1.23 9.88 38.11
CA ILE C 99 -0.44 11.08 38.43
C ILE C 99 -0.88 12.36 37.69
N GLY C 100 -1.15 12.24 36.39
CA GLY C 100 -1.55 13.35 35.54
C GLY C 100 -0.37 14.11 35.00
N MET C 101 -0.65 15.06 34.10
CA MET C 101 0.36 15.85 33.41
C MET C 101 0.22 17.36 33.65
N THR C 102 1.37 18.06 33.74
CA THR C 102 1.43 19.52 33.92
C THR C 102 1.26 20.22 32.57
N LYS C 103 1.07 21.56 32.55
CA LYS C 103 0.98 22.34 31.31
C LYS C 103 2.21 22.02 30.47
N ALA C 104 3.42 22.06 31.11
CA ALA C 104 4.72 21.75 30.53
C ALA C 104 4.74 20.36 29.83
N ASP C 105 4.27 19.28 30.52
CA ASP C 105 4.23 17.94 29.93
C ASP C 105 3.43 17.94 28.61
N LEU C 106 2.23 18.56 28.62
CA LEU C 106 1.31 18.68 27.48
C LEU C 106 1.86 19.55 26.33
N VAL C 107 2.32 20.81 26.65
CA VAL C 107 2.91 21.80 25.71
C VAL C 107 4.14 21.24 25.00
N ASN C 108 4.99 20.51 25.76
CA ASN C 108 6.26 19.95 25.25
C ASN C 108 6.16 18.53 24.71
N ASN C 109 4.98 17.89 24.83
CA ASN C 109 4.71 16.50 24.43
C ASN C 109 5.69 15.56 25.10
N LEU C 110 5.84 15.73 26.43
CA LEU C 110 6.74 14.96 27.31
C LEU C 110 8.23 15.13 26.98
N GLY C 111 8.49 16.12 26.14
CA GLY C 111 9.80 16.58 25.70
C GLY C 111 10.73 15.55 25.11
N THR C 112 11.97 15.58 25.60
CA THR C 112 13.13 14.75 25.20
C THR C 112 12.93 13.25 25.22
N ILE C 113 12.51 12.71 26.36
CA ILE C 113 12.28 11.27 26.53
C ILE C 113 11.42 10.71 25.37
N ALA C 114 10.28 11.38 25.07
CA ALA C 114 9.34 11.02 24.00
C ALA C 114 9.93 11.18 22.58
N ARG C 115 10.60 12.35 22.30
CA ARG C 115 11.27 12.74 21.04
C ARG C 115 12.28 11.66 20.64
N SER C 116 12.97 11.07 21.62
CA SER C 116 13.93 9.98 21.48
C SER C 116 13.21 8.69 21.18
N GLY C 117 12.08 8.46 21.85
CA GLY C 117 11.26 7.27 21.68
C GLY C 117 10.70 7.15 20.27
N THR C 118 10.17 8.27 19.75
CA THR C 118 9.61 8.36 18.39
C THR C 118 10.72 8.12 17.39
N LYS C 119 11.88 8.79 17.58
CA LYS C 119 13.03 8.66 16.70
C LYS C 119 13.49 7.19 16.60
N SER C 120 13.66 6.50 17.76
CA SER C 120 14.08 5.10 17.84
C SER C 120 13.06 4.17 17.25
N PHE C 121 11.75 4.48 17.47
CA PHE C 121 10.67 3.66 16.95
C PHE C 121 10.60 3.75 15.41
N MET C 122 10.68 4.97 14.84
CA MET C 122 10.72 5.19 13.39
C MET C 122 11.84 4.36 12.75
N GLU C 123 13.00 4.34 13.43
CA GLU C 123 14.16 3.55 13.08
C GLU C 123 13.84 2.07 13.14
N ALA C 124 13.22 1.60 14.25
CA ALA C 124 12.81 0.21 14.47
C ALA C 124 11.90 -0.23 13.33
N LEU C 125 10.86 0.55 13.03
CA LEU C 125 9.90 0.31 11.95
C LEU C 125 10.59 0.16 10.59
N GLU C 126 11.49 1.08 10.23
CA GLU C 126 12.24 0.99 8.97
C GLU C 126 13.14 -0.28 8.90
N ALA C 127 13.57 -0.77 10.06
CA ALA C 127 14.48 -1.89 10.18
C ALA C 127 13.88 -3.24 10.63
N GLY C 128 12.57 -3.39 10.53
CA GLY C 128 12.02 -4.69 10.88
C GLY C 128 11.10 -4.77 12.08
N GLY C 129 11.02 -3.67 12.82
CA GLY C 129 10.11 -3.52 13.93
C GLY C 129 8.72 -3.28 13.36
N ASP C 130 7.70 -3.43 14.18
CA ASP C 130 6.35 -3.23 13.68
C ASP C 130 5.57 -2.37 14.63
N MET C 131 4.41 -1.88 14.16
CA MET C 131 3.52 -1.00 14.91
C MET C 131 3.14 -1.52 16.29
N SER C 132 2.94 -2.84 16.43
CA SER C 132 2.55 -3.44 17.71
C SER C 132 3.55 -3.19 18.86
N MET C 133 4.82 -2.86 18.50
CA MET C 133 5.94 -2.59 19.42
C MET C 133 5.99 -1.16 19.88
N ILE C 134 5.02 -0.29 19.47
CA ILE C 134 4.95 1.14 19.82
C ILE C 134 5.20 1.46 21.30
N GLY C 135 4.59 0.68 22.17
CA GLY C 135 4.73 0.84 23.62
C GLY C 135 6.13 0.61 24.15
N GLN C 136 6.95 -0.21 23.45
CA GLN C 136 8.33 -0.48 23.84
C GLN C 136 9.23 0.74 23.76
N PHE C 137 8.75 1.80 23.08
CA PHE C 137 9.46 3.05 22.88
C PHE C 137 8.81 4.20 23.68
N GLY C 138 7.79 3.86 24.49
CA GLY C 138 7.06 4.78 25.35
C GLY C 138 6.17 5.77 24.64
N VAL C 139 5.96 5.56 23.33
CA VAL C 139 5.15 6.46 22.48
C VAL C 139 3.79 5.89 22.07
N GLY C 140 3.35 4.86 22.80
CA GLY C 140 2.08 4.15 22.65
C GLY C 140 0.83 5.01 22.53
N PHE C 141 0.83 6.22 23.17
CA PHE C 141 -0.26 7.19 23.12
C PHE C 141 -0.63 7.49 21.68
N TYR C 142 0.36 7.60 20.76
CA TYR C 142 0.12 7.91 19.35
C TYR C 142 -0.68 6.88 18.55
N SER C 143 -0.75 5.63 19.07
CA SER C 143 -1.55 4.56 18.45
C SER C 143 -3.04 4.95 18.45
N ALA C 144 -3.44 5.95 19.26
CA ALA C 144 -4.81 6.44 19.32
C ALA C 144 -5.23 6.89 17.92
N TYR C 145 -4.26 7.40 17.15
CA TYR C 145 -4.43 7.90 15.78
C TYR C 145 -4.65 6.82 14.74
N LEU C 146 -4.62 5.54 15.15
CA LEU C 146 -4.94 4.42 14.24
C LEU C 146 -6.46 4.34 14.06
N VAL C 147 -7.22 4.73 15.12
CA VAL C 147 -8.68 4.67 15.18
C VAL C 147 -9.38 6.02 15.35
N ALA C 148 -8.63 7.06 15.78
CA ALA C 148 -9.20 8.40 16.03
C ALA C 148 -8.71 9.47 15.08
N ASP C 149 -9.62 10.39 14.70
CA ASP C 149 -9.28 11.53 13.81
C ASP C 149 -8.97 12.79 14.62
N ARG C 150 -9.30 12.75 15.92
CA ARG C 150 -9.09 13.83 16.90
C ARG C 150 -8.96 13.19 18.25
N VAL C 151 -7.97 13.60 19.04
CA VAL C 151 -7.70 13.11 20.40
C VAL C 151 -7.61 14.33 21.32
N THR C 152 -8.39 14.30 22.41
CA THR C 152 -8.46 15.35 23.42
C THR C 152 -7.94 14.77 24.73
N VAL C 153 -6.93 15.42 25.30
CA VAL C 153 -6.27 14.98 26.53
C VAL C 153 -6.48 16.01 27.63
N VAL C 154 -7.40 15.72 28.57
CA VAL C 154 -7.67 16.55 29.73
C VAL C 154 -6.82 15.93 30.84
N SER C 155 -5.95 16.73 31.47
CA SER C 155 -5.06 16.22 32.50
C SER C 155 -4.86 17.24 33.58
N LYS C 156 -4.79 16.73 34.82
CA LYS C 156 -4.58 17.51 36.03
C LYS C 156 -3.57 16.79 36.91
N ASN C 157 -2.49 17.52 37.26
CA ASN C 157 -1.41 17.11 38.13
C ASN C 157 -1.53 17.96 39.38
N ASN C 158 -1.14 17.41 40.54
CA ASN C 158 -1.20 18.13 41.80
C ASN C 158 -0.39 19.43 41.77
N GLU C 159 0.78 19.39 41.10
CA GLU C 159 1.68 20.54 40.98
C GLU C 159 1.23 21.64 39.99
N ASP C 160 0.12 21.44 39.27
CA ASP C 160 -0.37 22.43 38.28
C ASP C 160 -1.92 22.46 38.22
N ASP C 161 -2.48 23.28 37.31
CA ASP C 161 -3.92 23.39 37.05
C ASP C 161 -4.29 22.40 35.95
N ALA C 162 -5.59 22.18 35.76
CA ALA C 162 -6.05 21.24 34.72
C ALA C 162 -6.01 21.93 33.35
N TYR C 163 -5.33 21.27 32.38
CA TYR C 163 -5.17 21.76 31.01
C TYR C 163 -5.68 20.72 30.01
N THR C 164 -6.05 21.20 28.82
CA THR C 164 -6.53 20.35 27.75
C THR C 164 -5.66 20.45 26.48
N TRP C 165 -5.14 19.31 26.05
CA TRP C 165 -4.34 19.12 24.85
C TRP C 165 -5.32 18.58 23.80
N GLU C 166 -5.21 19.08 22.60
CA GLU C 166 -6.08 18.62 21.53
C GLU C 166 -5.33 18.64 20.19
N SER C 167 -5.42 17.55 19.43
CA SER C 167 -4.85 17.48 18.09
C SER C 167 -5.64 16.59 17.15
N SER C 168 -5.92 17.12 15.96
CA SER C 168 -6.57 16.43 14.86
C SER C 168 -5.46 16.05 13.86
N ALA C 169 -4.19 16.02 14.35
CA ALA C 169 -2.95 15.80 13.64
C ALA C 169 -2.70 17.01 12.71
N GLY C 170 -2.05 16.81 11.56
CA GLY C 170 -1.75 17.86 10.61
C GLY C 170 -0.74 18.88 11.11
N GLY C 171 0.18 18.41 11.96
CA GLY C 171 1.29 19.20 12.49
C GLY C 171 1.04 20.10 13.68
N THR C 172 -0.22 20.32 14.04
CA THR C 172 -0.55 21.20 15.17
C THR C 172 -1.32 20.53 16.30
N PHE C 173 -1.24 21.13 17.47
CA PHE C 173 -1.93 20.75 18.68
C PHE C 173 -2.11 22.00 19.53
N THR C 174 -3.15 21.98 20.36
CA THR C 174 -3.48 23.10 21.22
C THR C 174 -3.39 22.67 22.65
N VAL C 175 -3.06 23.62 23.55
CA VAL C 175 -3.03 23.42 24.99
C VAL C 175 -3.76 24.58 25.62
N THR C 176 -4.98 24.30 26.12
CA THR C 176 -5.88 25.30 26.71
C THR C 176 -6.03 25.08 28.21
N SER C 177 -6.05 26.18 29.01
CA SER C 177 -6.30 26.15 30.46
C SER C 177 -7.76 25.82 30.68
N THR C 178 -8.01 24.66 31.31
CA THR C 178 -9.37 24.18 31.52
C THR C 178 -9.65 23.76 32.96
N PRO C 179 -10.12 24.70 33.84
CA PRO C 179 -10.53 24.31 35.19
C PRO C 179 -11.69 23.32 35.03
N ASP C 180 -11.41 22.08 35.42
CA ASP C 180 -12.25 20.90 35.27
C ASP C 180 -12.40 20.34 36.67
N CYS C 181 -13.34 20.88 37.44
CA CYS C 181 -13.63 20.41 38.80
C CYS C 181 -14.32 19.05 38.71
N ASP C 182 -14.84 18.70 37.50
CA ASP C 182 -15.52 17.44 37.14
C ASP C 182 -14.54 16.23 36.99
N LEU C 183 -13.23 16.48 37.19
CA LEU C 183 -12.12 15.52 37.13
C LEU C 183 -11.04 16.06 38.06
N LYS C 184 -11.03 15.55 39.30
CA LYS C 184 -10.12 15.97 40.36
C LYS C 184 -8.63 15.82 40.02
N ARG C 185 -8.16 14.60 39.70
CA ARG C 185 -6.75 14.36 39.34
C ARG C 185 -6.65 13.15 38.42
N GLY C 186 -5.68 13.19 37.55
CA GLY C 186 -5.41 12.13 36.59
C GLY C 186 -5.52 12.64 35.17
N THR C 187 -5.85 11.71 34.26
CA THR C 187 -5.94 11.97 32.82
C THR C 187 -7.20 11.35 32.17
N ARG C 188 -7.86 12.13 31.31
CA ARG C 188 -9.01 11.71 30.54
C ARG C 188 -8.66 11.90 29.06
N ILE C 189 -8.63 10.80 28.29
CA ILE C 189 -8.35 10.79 26.86
C ILE C 189 -9.60 10.40 26.11
N VAL C 190 -10.09 11.36 25.33
CA VAL C 190 -11.29 11.24 24.54
C VAL C 190 -10.90 11.06 23.10
N LEU C 191 -11.19 9.89 22.56
CA LEU C 191 -10.87 9.60 21.18
C LEU C 191 -12.11 9.79 20.33
N HIS C 192 -12.04 10.70 19.34
CA HIS C 192 -13.16 10.84 18.42
C HIS C 192 -12.87 9.84 17.31
N LEU C 193 -13.59 8.74 17.29
CA LEU C 193 -13.38 7.66 16.33
C LEU C 193 -13.67 8.03 14.90
N LYS C 194 -12.86 7.47 13.98
CA LYS C 194 -13.00 7.61 12.53
C LYS C 194 -14.27 6.86 12.10
N GLU C 195 -14.91 7.26 10.98
CA GLU C 195 -16.14 6.64 10.46
C GLU C 195 -16.10 5.09 10.31
N ASP C 196 -14.96 4.56 9.85
CA ASP C 196 -14.71 3.12 9.67
C ASP C 196 -14.34 2.38 10.98
N GLN C 197 -14.24 3.12 12.11
CA GLN C 197 -13.80 2.57 13.39
C GLN C 197 -14.85 2.60 14.52
N GLN C 198 -16.13 2.66 14.15
CA GLN C 198 -17.29 2.75 15.05
C GLN C 198 -17.50 1.49 15.88
N GLU C 199 -16.76 0.42 15.56
CA GLU C 199 -16.81 -0.87 16.25
C GLU C 199 -16.27 -0.79 17.66
N TYR C 200 -15.46 0.22 17.93
CA TYR C 200 -14.86 0.45 19.24
C TYR C 200 -15.78 1.23 20.17
N LEU C 201 -17.07 1.37 19.75
CA LEU C 201 -18.19 1.91 20.52
C LEU C 201 -18.97 0.72 21.14
N GLU C 202 -18.98 -0.45 20.43
CA GLU C 202 -19.70 -1.69 20.80
C GLU C 202 -19.17 -2.28 22.09
N GLU C 203 -20.11 -2.71 22.96
CA GLU C 203 -19.85 -3.28 24.27
C GLU C 203 -19.12 -4.62 24.22
N ARG C 204 -19.61 -5.55 23.37
CA ARG C 204 -19.00 -6.87 23.20
C ARG C 204 -17.57 -6.69 22.67
N ARG C 205 -17.39 -5.80 21.66
CA ARG C 205 -16.08 -5.52 21.08
C ARG C 205 -15.07 -5.07 22.13
N LEU C 206 -15.49 -4.18 23.03
CA LEU C 206 -14.62 -3.64 24.08
C LEU C 206 -14.33 -4.67 25.16
N LYS C 207 -15.37 -5.40 25.61
CA LYS C 207 -15.27 -6.44 26.63
C LYS C 207 -14.22 -7.47 26.24
N ASP C 208 -14.41 -8.09 25.07
CA ASP C 208 -13.49 -9.10 24.53
C ASP C 208 -12.08 -8.52 24.33
N LEU C 209 -11.98 -7.26 23.89
CA LEU C 209 -10.70 -6.57 23.67
C LEU C 209 -9.95 -6.31 24.98
N ILE C 210 -10.69 -5.93 26.07
CA ILE C 210 -10.10 -5.64 27.38
C ILE C 210 -9.62 -6.95 28.00
N LYS C 211 -10.50 -7.99 27.98
CA LYS C 211 -10.21 -9.32 28.50
C LYS C 211 -8.99 -9.93 27.83
N LYS C 212 -8.96 -9.89 26.49
CA LYS C 212 -7.90 -10.48 25.68
C LYS C 212 -6.52 -9.90 25.85
N HIS C 213 -6.42 -8.60 26.21
CA HIS C 213 -5.10 -7.95 26.27
C HIS C 213 -4.75 -7.24 27.61
N SER C 214 -5.34 -7.71 28.73
CA SER C 214 -5.06 -7.16 30.07
C SER C 214 -4.64 -8.27 31.04
N GLY C 218 -2.39 -4.12 36.47
CA GLY C 218 -2.53 -4.31 37.91
C GLY C 218 -3.53 -3.40 38.60
N TYR C 219 -4.53 -2.94 37.83
CA TYR C 219 -5.62 -2.07 38.28
C TYR C 219 -6.87 -2.54 37.59
N ASP C 220 -8.02 -2.34 38.24
CA ASP C 220 -9.30 -2.75 37.68
C ASP C 220 -9.66 -1.86 36.51
N ILE C 221 -10.14 -2.49 35.44
CA ILE C 221 -10.55 -1.79 34.22
C ILE C 221 -12.05 -1.82 34.15
N GLU C 222 -12.65 -0.63 34.38
CA GLU C 222 -14.10 -0.47 34.35
C GLU C 222 -14.55 -0.12 32.96
N LEU C 223 -15.50 -0.88 32.44
CA LEU C 223 -16.10 -0.62 31.14
C LEU C 223 -17.50 -0.08 31.43
N MET C 224 -17.72 1.18 31.08
CA MET C 224 -18.98 1.82 31.35
C MET C 224 -19.89 1.71 30.15
N VAL C 225 -20.85 0.75 30.19
CA VAL C 225 -21.84 0.52 29.14
C VAL C 225 -23.09 1.34 29.42
N GLU C 226 -23.78 1.83 28.36
CA GLU C 226 -25.05 2.59 28.47
C GLU C 226 -26.23 1.73 28.01
N ASN C 227 -27.39 1.90 28.65
CA ASN C 227 -28.58 1.12 28.34
C ASN C 227 -29.83 1.89 28.76
#